data_2P4Q
#
_entry.id   2P4Q
#
_cell.length_a   147.261
_cell.length_b   147.261
_cell.length_c   114.428
_cell.angle_alpha   90.00
_cell.angle_beta   90.00
_cell.angle_gamma   120.00
#
_symmetry.space_group_name_H-M   'P 65 2 2'
#
loop_
_entity.id
_entity.type
_entity.pdbx_description
1 polymer '6-phosphogluconate dehydrogenase, decarboxylating 1'
2 non-polymer 'CITRATE ANION'
3 water water
#
_entity_poly.entity_id   1
_entity_poly.type   'polypeptide(L)'
_entity_poly.pdbx_seq_one_letter_code
;MGHHHHHHMSADFGLIGLAVMGQNLILNAADHGFTVCAYNRTQSKVDHFLANEAKGKSIIGATSIEDFISKLKRPRKVML
LVKAGAPVDALINQIVPLLEKGDIIIDGGNSHFPDSNRRYEELKKKGILFVGSGVSGGEEGARYGPSLMPGGSEEAWPHI
KNIFQSISAKSDGEPCCEWVGPAGAGHYVKMVHNGIEYGDMQLICEAYDIMKRLGGFTDKEISDVFAKWNNGVLDSFLVE
ITRDILKFDDVDGKPLVEKIMDTAGQKGTGKWTAINALDLGMPVTLIGEAVFARCLSALKNERIRASKVLPGPEVPKDAV
KDREQFVDDLEQALYASKIISYAQGFMLIREAAATYGWKLNNPAIALMWRGGCIIRSVFLGQITKAYREEPDLENLLFNK
FFADAVTKAQSGWRKSIALATTYGIPTPAFSTALSFYDGYRSERLPANLLQAQRDYFGAHTFRVLPECASDNLPVDKDIH
INWTGHGGNVSSSTYQA
;
_entity_poly.pdbx_strand_id   A
#
loop_
_chem_comp.id
_chem_comp.type
_chem_comp.name
_chem_comp.formula
FLC non-polymer 'CITRATE ANION' 'C6 H5 O7 -3'
#
# COMPACT_ATOMS: atom_id res chain seq x y z
N MET A 9 -35.18 -14.42 3.79
CA MET A 9 -34.91 -15.88 3.68
C MET A 9 -33.61 -16.20 4.43
N SER A 10 -32.80 -17.12 3.90
CA SER A 10 -31.64 -17.64 4.61
C SER A 10 -30.36 -17.38 3.83
N ALA A 11 -29.43 -16.67 4.47
CA ALA A 11 -28.11 -16.30 3.94
C ALA A 11 -27.65 -15.08 4.70
N ASP A 12 -26.57 -15.26 5.47
CA ASP A 12 -25.99 -14.20 6.27
C ASP A 12 -25.61 -13.00 5.42
N PHE A 13 -24.97 -13.27 4.28
CA PHE A 13 -24.73 -12.25 3.28
C PHE A 13 -24.71 -12.86 1.88
N GLY A 14 -24.80 -11.99 0.88
CA GLY A 14 -24.59 -12.37 -0.49
C GLY A 14 -23.39 -11.62 -1.04
N LEU A 15 -22.76 -12.19 -2.05
CA LEU A 15 -21.65 -11.54 -2.72
C LEU A 15 -21.88 -11.60 -4.22
N ILE A 16 -21.90 -10.42 -4.86
CA ILE A 16 -21.97 -10.33 -6.33
C ILE A 16 -20.56 -10.13 -6.91
N GLY A 17 -20.24 -10.84 -7.97
CA GLY A 17 -18.92 -10.74 -8.58
C GLY A 17 -18.10 -11.97 -8.27
N LEU A 18 -18.16 -12.94 -9.18
CA LEU A 18 -17.59 -14.26 -8.96
C LEU A 18 -16.32 -14.51 -9.77
N ALA A 19 -15.42 -13.53 -9.74
CA ALA A 19 -14.03 -13.74 -10.15
C ALA A 19 -13.39 -14.65 -9.10
N VAL A 20 -12.14 -15.09 -9.34
CA VAL A 20 -11.47 -15.98 -8.39
C VAL A 20 -11.48 -15.36 -6.98
N MET A 21 -11.18 -14.06 -6.89
CA MET A 21 -11.15 -13.33 -5.63
C MET A 21 -12.41 -13.54 -4.77
N GLY A 22 -13.57 -13.19 -5.33
CA GLY A 22 -14.85 -13.29 -4.65
C GLY A 22 -15.29 -14.70 -4.30
N GLN A 23 -15.07 -15.62 -5.24
CA GLN A 23 -15.28 -17.05 -5.01
C GLN A 23 -14.59 -17.54 -3.74
N ASN A 24 -13.32 -17.15 -3.58
CA ASN A 24 -12.53 -17.55 -2.42
C ASN A 24 -13.01 -16.91 -1.11
N LEU A 25 -13.50 -15.68 -1.18
CA LEU A 25 -14.12 -15.04 -0.02
C LEU A 25 -15.38 -15.78 0.41
N ILE A 26 -16.26 -16.11 -0.54
CA ILE A 26 -17.48 -16.88 -0.27
C ILE A 26 -17.15 -18.23 0.38
N LEU A 27 -16.23 -18.96 -0.27
CA LEU A 27 -15.66 -20.20 0.26
C LEU A 27 -15.14 -20.07 1.69
N ASN A 28 -14.36 -19.00 1.93
CA ASN A 28 -13.80 -18.69 3.25
C ASN A 28 -14.91 -18.49 4.30
N ALA A 29 -15.92 -17.71 3.93
CA ALA A 29 -17.08 -17.47 4.78
C ALA A 29 -17.83 -18.78 5.07
N ALA A 30 -18.13 -19.54 4.00
CA ALA A 30 -18.77 -20.85 4.14
C ALA A 30 -18.05 -21.73 5.15
N ASP A 31 -16.74 -21.91 4.97
CA ASP A 31 -15.91 -22.68 5.91
C ASP A 31 -15.98 -22.19 7.35
N HIS A 32 -16.28 -20.91 7.54
CA HIS A 32 -16.41 -20.34 8.89
C HIS A 32 -17.83 -20.40 9.43
N GLY A 33 -18.68 -21.14 8.70
CA GLY A 33 -20.06 -21.42 9.12
C GLY A 33 -21.04 -20.30 8.82
N PHE A 34 -20.87 -19.65 7.69
CA PHE A 34 -21.85 -18.68 7.23
C PHE A 34 -22.54 -19.26 6.01
N THR A 35 -23.83 -18.95 5.87
CA THR A 35 -24.57 -19.28 4.68
C THR A 35 -24.44 -18.07 3.78
N VAL A 36 -23.85 -18.28 2.61
CA VAL A 36 -23.60 -17.20 1.67
C VAL A 36 -24.41 -17.41 0.40
N CYS A 37 -25.02 -16.34 -0.08
CA CYS A 37 -25.67 -16.34 -1.37
C CYS A 37 -24.75 -15.76 -2.45
N ALA A 38 -24.39 -16.61 -3.41
CA ALA A 38 -23.51 -16.26 -4.52
C ALA A 38 -24.32 -15.82 -5.76
N TYR A 39 -23.87 -14.73 -6.39
CA TYR A 39 -24.53 -14.20 -7.57
C TYR A 39 -23.52 -13.45 -8.47
N ASN A 40 -23.92 -13.20 -9.72
CA ASN A 40 -23.09 -12.49 -10.68
C ASN A 40 -23.95 -11.64 -11.61
N ARG A 41 -23.32 -10.71 -12.31
CA ARG A 41 -24.03 -9.96 -13.35
C ARG A 41 -24.67 -10.94 -14.34
N THR A 42 -23.96 -12.05 -14.57
CA THR A 42 -24.37 -13.09 -15.52
C THR A 42 -24.80 -14.37 -14.77
N GLN A 43 -24.81 -15.50 -15.47
CA GLN A 43 -25.28 -16.76 -14.89
C GLN A 43 -24.28 -17.91 -14.91
N SER A 44 -23.65 -18.14 -16.05
CA SER A 44 -22.74 -19.28 -16.23
C SER A 44 -21.87 -19.53 -14.99
N LYS A 45 -21.26 -18.45 -14.48
CA LYS A 45 -20.32 -18.51 -13.36
C LYS A 45 -20.97 -18.87 -12.02
N VAL A 46 -22.25 -18.56 -11.86
CA VAL A 46 -22.99 -18.91 -10.64
C VAL A 46 -23.23 -20.42 -10.60
N ASP A 47 -23.86 -20.94 -11.65
CA ASP A 47 -24.15 -22.37 -11.78
C ASP A 47 -22.87 -23.19 -11.69
N HIS A 48 -21.83 -22.74 -12.41
CA HIS A 48 -20.55 -23.44 -12.48
C HIS A 48 -19.88 -23.54 -11.12
N PHE A 49 -19.93 -22.43 -10.38
CA PHE A 49 -19.38 -22.32 -9.03
C PHE A 49 -20.14 -23.20 -8.03
N LEU A 50 -21.48 -23.17 -8.12
CA LEU A 50 -22.33 -24.07 -7.33
C LEU A 50 -22.15 -25.54 -7.68
N ALA A 51 -21.78 -25.80 -8.94
CA ALA A 51 -21.51 -27.16 -9.43
C ALA A 51 -20.18 -27.77 -8.95
N ASN A 52 -19.18 -26.92 -8.66
CA ASN A 52 -17.83 -27.39 -8.33
C ASN A 52 -17.31 -27.15 -6.90
N GLU A 53 -16.76 -25.96 -6.64
CA GLU A 53 -16.06 -25.68 -5.38
C GLU A 53 -16.98 -25.27 -4.22
N ALA A 54 -18.18 -24.81 -4.55
CA ALA A 54 -19.18 -24.44 -3.54
C ALA A 54 -20.06 -25.62 -3.13
N LYS A 55 -19.89 -26.75 -3.81
CA LYS A 55 -20.70 -27.95 -3.63
C LYS A 55 -20.44 -28.57 -2.25
N GLY A 56 -21.51 -28.83 -1.51
CA GLY A 56 -21.44 -29.45 -0.19
C GLY A 56 -21.07 -28.49 0.92
N LYS A 57 -21.12 -27.19 0.61
CA LYS A 57 -20.87 -26.11 1.58
C LYS A 57 -22.12 -25.25 1.67
N SER A 58 -22.17 -24.39 2.67
CA SER A 58 -23.35 -23.55 2.91
C SER A 58 -23.42 -22.37 1.95
N ILE A 59 -23.44 -22.69 0.65
CA ILE A 59 -23.44 -21.68 -0.40
C ILE A 59 -24.64 -21.92 -1.33
N ILE A 60 -25.50 -20.92 -1.45
CA ILE A 60 -26.66 -21.02 -2.35
C ILE A 60 -26.53 -20.01 -3.47
N GLY A 61 -27.14 -20.31 -4.62
CA GLY A 61 -27.11 -19.41 -5.77
C GLY A 61 -28.29 -18.47 -5.83
N ALA A 62 -28.32 -17.67 -6.89
CA ALA A 62 -29.44 -16.78 -7.20
C ALA A 62 -29.63 -16.71 -8.71
N THR A 63 -30.82 -16.33 -9.15
CA THR A 63 -31.12 -16.24 -10.59
C THR A 63 -31.42 -14.80 -11.00
N SER A 64 -32.23 -14.12 -10.20
CA SER A 64 -32.53 -12.71 -10.42
C SER A 64 -31.80 -11.86 -9.37
N ILE A 65 -31.78 -10.55 -9.61
CA ILE A 65 -31.32 -9.58 -8.62
C ILE A 65 -32.31 -9.56 -7.46
N GLU A 66 -33.60 -9.66 -7.77
CA GLU A 66 -34.65 -9.73 -6.75
C GLU A 66 -34.61 -11.07 -6.02
N ASP A 67 -34.21 -12.11 -6.75
CA ASP A 67 -34.02 -13.42 -6.14
C ASP A 67 -32.90 -13.36 -5.13
N PHE A 68 -31.74 -12.86 -5.56
CA PHE A 68 -30.58 -12.62 -4.70
C PHE A 68 -31.00 -11.86 -3.44
N ILE A 69 -31.61 -10.69 -3.63
CA ILE A 69 -32.05 -9.83 -2.53
C ILE A 69 -32.99 -10.55 -1.54
N SER A 70 -33.82 -11.45 -2.07
CA SER A 70 -34.83 -12.17 -1.29
C SER A 70 -34.24 -13.26 -0.40
N LYS A 71 -33.06 -13.76 -0.78
CA LYS A 71 -32.43 -14.88 -0.08
C LYS A 71 -31.59 -14.45 1.13
N LEU A 72 -31.67 -13.18 1.52
CA LEU A 72 -30.72 -12.62 2.48
C LEU A 72 -31.39 -12.13 3.77
N LYS A 73 -30.80 -12.51 4.90
CA LYS A 73 -31.32 -12.14 6.22
C LYS A 73 -31.36 -10.62 6.39
N ARG A 74 -32.01 -10.14 7.44
CA ARG A 74 -32.19 -8.70 7.66
C ARG A 74 -31.30 -8.23 8.83
N PRO A 75 -30.67 -7.05 8.69
CA PRO A 75 -30.59 -6.18 7.51
C PRO A 75 -29.74 -6.82 6.42
N ARG A 76 -30.16 -6.65 5.16
CA ARG A 76 -29.50 -7.30 4.02
C ARG A 76 -28.07 -6.79 3.79
N LYS A 77 -27.15 -7.73 3.62
CA LYS A 77 -25.74 -7.43 3.45
C LYS A 77 -25.28 -7.85 2.07
N VAL A 78 -25.08 -6.85 1.21
CA VAL A 78 -24.77 -7.07 -0.20
C VAL A 78 -23.34 -6.63 -0.46
N MET A 79 -22.46 -7.60 -0.69
CA MET A 79 -21.08 -7.32 -1.02
C MET A 79 -20.85 -7.41 -2.53
N LEU A 80 -20.13 -6.42 -3.07
CA LEU A 80 -19.76 -6.41 -4.47
C LEU A 80 -18.24 -6.58 -4.62
N LEU A 81 -17.83 -7.51 -5.47
CA LEU A 81 -16.44 -7.64 -5.88
C LEU A 81 -16.36 -7.54 -7.40
N VAL A 82 -16.71 -6.36 -7.91
CA VAL A 82 -16.65 -6.09 -9.35
C VAL A 82 -15.56 -5.07 -9.72
N LYS A 83 -15.28 -4.94 -11.02
CA LYS A 83 -14.32 -3.98 -11.54
C LYS A 83 -14.67 -2.57 -11.08
N ALA A 84 -13.65 -1.80 -10.71
CA ALA A 84 -13.84 -0.46 -10.18
C ALA A 84 -14.46 0.49 -11.22
N GLY A 85 -15.11 1.54 -10.75
CA GLY A 85 -15.66 2.55 -11.64
C GLY A 85 -17.17 2.48 -11.78
N ALA A 86 -17.64 2.60 -13.02
CA ALA A 86 -19.07 2.62 -13.32
C ALA A 86 -19.80 1.30 -13.04
N PRO A 87 -19.16 0.13 -13.30
CA PRO A 87 -19.81 -1.12 -12.93
C PRO A 87 -20.23 -1.21 -11.45
N VAL A 88 -19.50 -0.55 -10.55
CA VAL A 88 -19.86 -0.51 -9.13
C VAL A 88 -21.14 0.32 -8.97
N ASP A 89 -21.21 1.46 -9.66
CA ASP A 89 -22.40 2.30 -9.66
C ASP A 89 -23.59 1.64 -10.35
N ALA A 90 -23.29 0.79 -11.34
CA ALA A 90 -24.32 0.02 -12.05
C ALA A 90 -25.08 -0.83 -11.05
N LEU A 91 -24.37 -1.75 -10.39
CA LEU A 91 -24.96 -2.62 -9.37
C LEU A 91 -25.70 -1.84 -8.30
N ILE A 92 -25.06 -0.83 -7.72
CA ILE A 92 -25.68 -0.01 -6.68
C ILE A 92 -27.05 0.50 -7.12
N ASN A 93 -27.13 1.03 -8.34
CA ASN A 93 -28.35 1.64 -8.86
C ASN A 93 -29.51 0.67 -9.09
N GLN A 94 -29.19 -0.58 -9.39
CA GLN A 94 -30.20 -1.61 -9.61
C GLN A 94 -30.53 -2.44 -8.36
N ILE A 95 -29.86 -2.12 -7.25
CA ILE A 95 -29.99 -2.84 -5.99
C ILE A 95 -30.74 -1.97 -4.99
N VAL A 96 -30.48 -0.67 -5.01
CA VAL A 96 -31.14 0.30 -4.13
C VAL A 96 -32.68 0.18 -4.11
N PRO A 97 -33.34 0.08 -5.31
CA PRO A 97 -34.81 -0.04 -5.29
C PRO A 97 -35.32 -1.34 -4.64
N LEU A 98 -34.55 -2.43 -4.78
CA LEU A 98 -34.89 -3.73 -4.16
C LEU A 98 -34.52 -3.83 -2.66
N LEU A 99 -34.16 -2.70 -2.06
CA LEU A 99 -33.67 -2.65 -0.68
C LEU A 99 -34.54 -1.74 0.18
N GLU A 100 -34.38 -1.85 1.50
CA GLU A 100 -35.06 -0.97 2.45
C GLU A 100 -34.07 -0.40 3.48
N LYS A 101 -34.40 0.77 4.04
CA LYS A 101 -33.55 1.46 5.00
C LYS A 101 -32.86 0.52 6.02
N GLY A 102 -31.56 0.72 6.19
CA GLY A 102 -30.77 -0.07 7.14
C GLY A 102 -30.06 -1.25 6.48
N ASP A 103 -30.40 -1.52 5.22
CA ASP A 103 -29.66 -2.51 4.45
C ASP A 103 -28.29 -1.95 4.08
N ILE A 104 -27.34 -2.84 3.83
CA ILE A 104 -25.93 -2.49 3.79
C ILE A 104 -25.33 -2.87 2.45
N ILE A 105 -24.83 -1.87 1.72
CA ILE A 105 -24.02 -2.18 0.54
C ILE A 105 -22.53 -2.15 0.90
N ILE A 106 -21.83 -3.23 0.56
CA ILE A 106 -20.41 -3.35 0.77
C ILE A 106 -19.71 -3.41 -0.58
N ASP A 107 -18.90 -2.39 -0.86
CA ASP A 107 -18.00 -2.40 -2.03
C ASP A 107 -16.63 -2.89 -1.57
N GLY A 108 -16.25 -4.09 -2.01
CA GLY A 108 -14.98 -4.67 -1.63
C GLY A 108 -13.90 -4.53 -2.69
N GLY A 109 -14.27 -3.94 -3.83
CA GLY A 109 -13.34 -3.72 -4.93
C GLY A 109 -12.33 -2.63 -4.62
N ASN A 110 -11.33 -2.49 -5.51
CA ASN A 110 -10.32 -1.45 -5.34
C ASN A 110 -10.75 -0.13 -5.91
N SER A 111 -11.72 0.49 -5.22
CA SER A 111 -12.35 1.71 -5.68
C SER A 111 -11.58 2.91 -5.17
N HIS A 112 -11.57 3.96 -5.98
CA HIS A 112 -10.89 5.19 -5.61
C HIS A 112 -11.75 5.86 -4.55
N PHE A 113 -11.12 6.23 -3.44
CA PHE A 113 -11.85 6.71 -2.28
C PHE A 113 -12.83 7.89 -2.48
N PRO A 114 -12.57 8.83 -3.42
CA PRO A 114 -13.57 9.89 -3.61
C PRO A 114 -14.89 9.35 -4.15
N ASP A 115 -14.83 8.26 -4.92
CA ASP A 115 -16.03 7.56 -5.36
C ASP A 115 -16.80 6.99 -4.17
N SER A 116 -16.07 6.37 -3.25
CA SER A 116 -16.63 5.80 -2.02
C SER A 116 -17.19 6.91 -1.12
N ASN A 117 -16.49 8.04 -1.03
CA ASN A 117 -17.05 9.22 -0.34
C ASN A 117 -18.41 9.60 -0.92
N ARG A 118 -18.56 9.45 -2.24
CA ARG A 118 -19.73 9.88 -2.95
C ARG A 118 -20.89 8.89 -2.78
N ARG A 119 -20.62 7.62 -3.08
CA ARG A 119 -21.56 6.55 -2.88
C ARG A 119 -22.08 6.48 -1.46
N TYR A 120 -21.18 6.74 -0.50
CA TYR A 120 -21.55 6.79 0.90
C TYR A 120 -22.60 7.86 1.20
N GLU A 121 -22.41 9.06 0.65
CA GLU A 121 -23.26 10.19 0.96
C GLU A 121 -24.61 10.11 0.20
N GLU A 122 -24.55 9.57 -1.01
CA GLU A 122 -25.74 9.33 -1.83
C GLU A 122 -26.64 8.25 -1.23
N LEU A 123 -26.06 7.09 -0.94
CA LEU A 123 -26.79 6.01 -0.26
C LEU A 123 -27.30 6.48 1.10
N LYS A 124 -26.50 7.25 1.82
CA LYS A 124 -26.92 7.78 3.10
C LYS A 124 -28.20 8.61 2.95
N LYS A 125 -28.33 9.33 1.84
CA LYS A 125 -29.49 10.21 1.59
C LYS A 125 -30.77 9.41 1.52
N LYS A 126 -30.65 8.18 1.03
CA LYS A 126 -31.76 7.23 0.92
C LYS A 126 -31.90 6.31 2.16
N GLY A 127 -31.13 6.57 3.22
CA GLY A 127 -31.14 5.73 4.42
C GLY A 127 -30.52 4.33 4.28
N ILE A 128 -29.83 4.09 3.16
CA ILE A 128 -29.06 2.87 2.94
C ILE A 128 -27.66 3.01 3.55
N LEU A 129 -27.21 1.94 4.21
CA LEU A 129 -25.88 1.87 4.79
C LEU A 129 -24.82 1.44 3.79
N PHE A 130 -23.66 2.11 3.86
CA PHE A 130 -22.56 1.84 2.92
C PHE A 130 -21.27 1.45 3.63
N VAL A 131 -20.64 0.40 3.13
CA VAL A 131 -19.30 0.03 3.56
C VAL A 131 -18.40 -0.07 2.33
N GLY A 132 -17.43 0.83 2.24
CA GLY A 132 -16.36 0.70 1.25
C GLY A 132 -15.22 0.01 1.96
N SER A 133 -14.87 -1.18 1.48
CA SER A 133 -13.87 -2.01 2.12
C SER A 133 -12.66 -2.35 1.23
N GLY A 134 -11.47 -2.07 1.74
CA GLY A 134 -10.27 -2.63 1.14
C GLY A 134 -10.21 -4.14 1.35
N VAL A 135 -9.74 -4.87 0.35
CA VAL A 135 -9.47 -6.31 0.47
C VAL A 135 -8.08 -6.57 -0.09
N SER A 136 -7.23 -7.24 0.68
CA SER A 136 -5.89 -7.60 0.24
C SER A 136 -5.46 -9.01 0.66
N GLY A 137 -4.80 -9.70 -0.26
CA GLY A 137 -4.22 -11.02 -0.02
C GLY A 137 -4.06 -11.80 -1.32
N GLY A 138 -4.71 -11.33 -2.37
CA GLY A 138 -4.75 -12.06 -3.63
C GLY A 138 -5.71 -13.24 -3.56
N GLU A 139 -5.67 -14.08 -4.59
CA GLU A 139 -6.52 -15.27 -4.71
C GLU A 139 -6.42 -16.11 -3.44
N GLU A 140 -5.20 -16.54 -3.09
CA GLU A 140 -5.02 -17.43 -1.95
C GLU A 140 -5.24 -16.74 -0.60
N GLY A 141 -5.05 -15.42 -0.55
CA GLY A 141 -5.31 -14.66 0.66
C GLY A 141 -6.81 -14.55 0.92
N ALA A 142 -7.59 -14.52 -0.16
CA ALA A 142 -9.05 -14.45 -0.06
C ALA A 142 -9.63 -15.78 0.44
N ARG A 143 -9.00 -16.90 0.05
CA ARG A 143 -9.42 -18.25 0.44
C ARG A 143 -9.22 -18.57 1.92
N TYR A 144 -8.14 -18.07 2.51
CA TYR A 144 -7.78 -18.47 3.89
C TYR A 144 -7.77 -17.36 4.95
N GLY A 145 -7.62 -16.11 4.51
CA GLY A 145 -7.66 -14.99 5.45
C GLY A 145 -7.07 -13.71 4.86
N PRO A 146 -7.93 -12.89 4.22
CA PRO A 146 -7.40 -11.64 3.68
C PRO A 146 -7.34 -10.58 4.77
N SER A 147 -6.68 -9.47 4.45
CA SER A 147 -6.77 -8.27 5.26
C SER A 147 -8.04 -7.57 4.78
N LEU A 148 -8.88 -7.13 5.72
CA LEU A 148 -10.10 -6.41 5.36
C LEU A 148 -10.11 -5.05 6.06
N MET A 149 -10.42 -4.01 5.29
CA MET A 149 -10.29 -2.64 5.78
C MET A 149 -11.60 -1.88 5.51
N PRO A 150 -12.64 -2.13 6.34
CA PRO A 150 -13.94 -1.54 6.10
C PRO A 150 -14.05 -0.12 6.61
N GLY A 151 -14.73 0.73 5.83
CA GLY A 151 -15.08 2.07 6.21
C GLY A 151 -16.37 2.45 5.54
N GLY A 152 -17.01 3.50 6.03
CA GLY A 152 -18.30 3.95 5.49
C GLY A 152 -19.25 4.33 6.62
N SER A 153 -20.37 3.64 6.68
CA SER A 153 -21.38 3.85 7.74
C SER A 153 -20.97 3.07 8.99
N GLU A 154 -20.63 3.78 10.06
CA GLU A 154 -20.23 3.14 11.32
C GLU A 154 -21.31 2.18 11.81
N GLU A 155 -22.57 2.55 11.59
CA GLU A 155 -23.72 1.75 12.04
C GLU A 155 -23.91 0.44 11.29
N ALA A 156 -23.11 0.23 10.23
CA ALA A 156 -23.11 -1.04 9.51
C ALA A 156 -22.11 -2.01 10.12
N TRP A 157 -21.15 -1.49 10.88
CA TRP A 157 -20.07 -2.32 11.45
C TRP A 157 -20.53 -3.46 12.39
N PRO A 158 -21.40 -3.17 13.39
CA PRO A 158 -21.89 -4.29 14.22
C PRO A 158 -22.52 -5.45 13.42
N HIS A 159 -23.09 -5.14 12.25
CA HIS A 159 -23.67 -6.14 11.36
C HIS A 159 -22.68 -6.93 10.48
N ILE A 160 -21.53 -6.36 10.15
CA ILE A 160 -20.56 -7.09 9.32
C ILE A 160 -19.35 -7.60 10.10
N LYS A 161 -19.18 -7.08 11.32
CA LYS A 161 -18.07 -7.41 12.22
C LYS A 161 -17.72 -8.91 12.28
N ASN A 162 -18.73 -9.74 12.56
CA ASN A 162 -18.47 -11.16 12.80
C ASN A 162 -18.08 -11.89 11.52
N ILE A 163 -18.75 -11.57 10.42
CA ILE A 163 -18.39 -12.12 9.12
C ILE A 163 -16.96 -11.73 8.76
N PHE A 164 -16.63 -10.46 8.95
CA PHE A 164 -15.38 -9.91 8.46
C PHE A 164 -14.19 -10.40 9.28
N GLN A 165 -14.27 -10.26 10.60
CA GLN A 165 -13.23 -10.70 11.48
C GLN A 165 -13.02 -12.21 11.52
N SER A 166 -14.11 -12.98 11.38
CA SER A 166 -14.00 -14.44 11.28
C SER A 166 -13.20 -14.86 10.05
N ILE A 167 -13.53 -14.28 8.90
CA ILE A 167 -12.87 -14.69 7.64
C ILE A 167 -11.46 -14.10 7.42
N SER A 168 -11.15 -13.03 8.15
CA SER A 168 -9.90 -12.30 7.95
C SER A 168 -8.72 -13.09 8.48
N ALA A 169 -7.52 -12.78 7.99
CA ALA A 169 -6.30 -13.37 8.51
C ALA A 169 -6.16 -12.99 9.97
N LYS A 170 -5.43 -13.82 10.71
CA LYS A 170 -5.15 -13.58 12.11
C LYS A 170 -3.68 -13.30 12.27
N SER A 171 -3.35 -12.38 13.16
CA SER A 171 -1.99 -12.13 13.58
C SER A 171 -1.98 -12.19 15.10
N ASP A 172 -1.38 -13.25 15.63
CA ASP A 172 -1.30 -13.50 17.08
C ASP A 172 -2.69 -13.46 17.71
N GLY A 173 -3.62 -14.25 17.16
CA GLY A 173 -4.98 -14.32 17.69
C GLY A 173 -5.90 -13.20 17.24
N GLU A 174 -5.33 -12.03 16.96
CA GLU A 174 -6.07 -10.83 16.56
C GLU A 174 -6.44 -10.82 15.07
N PRO A 175 -7.74 -10.56 14.76
CA PRO A 175 -8.12 -10.45 13.35
C PRO A 175 -7.56 -9.19 12.67
N CYS A 176 -7.14 -9.37 11.42
CA CYS A 176 -6.62 -8.30 10.57
C CYS A 176 -7.77 -7.55 9.90
N CYS A 177 -8.58 -6.91 10.74
CA CYS A 177 -9.80 -6.22 10.32
C CYS A 177 -10.39 -5.49 11.52
N GLU A 178 -10.36 -4.16 11.46
CA GLU A 178 -11.08 -3.31 12.40
C GLU A 178 -11.82 -2.25 11.59
N TRP A 179 -12.80 -1.61 12.19
CA TRP A 179 -13.47 -0.52 11.50
C TRP A 179 -12.45 0.60 11.25
N VAL A 180 -12.19 0.90 9.97
CA VAL A 180 -11.19 1.91 9.60
C VAL A 180 -11.66 3.32 9.93
N GLY A 181 -12.86 3.68 9.47
CA GLY A 181 -13.40 5.01 9.69
C GLY A 181 -14.47 5.34 8.66
N PRO A 182 -14.94 6.60 8.66
CA PRO A 182 -16.11 7.01 7.89
C PRO A 182 -15.90 7.14 6.39
N ALA A 183 -17.01 7.17 5.64
CA ALA A 183 -16.99 7.47 4.22
C ALA A 183 -16.04 6.58 3.42
N GLY A 184 -15.09 7.18 2.70
CA GLY A 184 -14.17 6.44 1.84
C GLY A 184 -12.89 5.96 2.52
N ALA A 185 -12.82 6.08 3.84
CA ALA A 185 -11.63 5.74 4.64
C ALA A 185 -11.03 4.33 4.47
N GLY A 186 -11.89 3.31 4.30
CA GLY A 186 -11.41 1.96 4.11
C GLY A 186 -10.67 1.78 2.80
N HIS A 187 -11.25 2.34 1.75
CA HIS A 187 -10.62 2.39 0.45
C HIS A 187 -9.38 3.30 0.39
N TYR A 188 -9.40 4.37 1.16
CA TYR A 188 -8.25 5.26 1.29
C TYR A 188 -7.03 4.49 1.85
N VAL A 189 -7.22 3.92 3.03
CA VAL A 189 -6.24 3.06 3.69
C VAL A 189 -5.78 1.90 2.79
N LYS A 190 -6.69 1.31 2.02
CA LYS A 190 -6.29 0.27 1.04
C LYS A 190 -5.39 0.84 -0.07
N MET A 191 -5.73 2.05 -0.54
CA MET A 191 -4.90 2.79 -1.49
C MET A 191 -3.47 2.96 -1.00
N VAL A 192 -3.32 3.47 0.21
CA VAL A 192 -2.02 3.75 0.81
C VAL A 192 -1.23 2.45 0.98
N HIS A 193 -1.91 1.38 1.36
CA HIS A 193 -1.28 0.06 1.45
C HIS A 193 -0.64 -0.31 0.11
N ASN A 194 -1.34 0.01 -0.97
CA ASN A 194 -0.87 -0.29 -2.31
C ASN A 194 0.29 0.61 -2.75
N GLY A 195 0.30 1.85 -2.26
CA GLY A 195 1.41 2.77 -2.46
C GLY A 195 2.64 2.20 -1.78
N ILE A 196 2.48 1.85 -0.50
CA ILE A 196 3.54 1.22 0.30
C ILE A 196 4.06 -0.05 -0.39
N GLU A 197 3.14 -0.85 -0.89
CA GLU A 197 3.48 -2.03 -1.66
C GLU A 197 4.45 -1.69 -2.78
N TYR A 198 4.09 -0.75 -3.64
CA TYR A 198 4.98 -0.28 -4.72
C TYR A 198 6.37 0.05 -4.20
N GLY A 199 6.43 0.77 -3.08
CA GLY A 199 7.69 1.11 -2.45
C GLY A 199 8.54 -0.09 -2.06
N ASP A 200 7.94 -1.08 -1.39
CA ASP A 200 8.66 -2.30 -0.98
C ASP A 200 9.17 -3.11 -2.19
N MET A 201 8.37 -3.24 -3.24
CA MET A 201 8.82 -3.93 -4.46
C MET A 201 9.97 -3.21 -5.16
N GLN A 202 9.94 -1.87 -5.15
CA GLN A 202 11.02 -1.11 -5.77
C GLN A 202 12.32 -1.23 -4.96
N LEU A 203 12.20 -1.13 -3.64
CA LEU A 203 13.34 -1.25 -2.75
C LEU A 203 14.00 -2.63 -2.88
N ILE A 204 13.20 -3.67 -2.86
CA ILE A 204 13.70 -5.02 -3.13
C ILE A 204 14.41 -5.11 -4.49
N CYS A 205 13.80 -4.56 -5.55
CA CYS A 205 14.40 -4.62 -6.90
C CYS A 205 15.74 -3.91 -7.01
N GLU A 206 15.92 -2.85 -6.22
CA GLU A 206 17.18 -2.09 -6.17
C GLU A 206 18.31 -2.90 -5.50
N ALA A 207 18.00 -3.57 -4.39
CA ALA A 207 18.91 -4.54 -3.77
C ALA A 207 19.35 -5.61 -4.79
N TYR A 208 18.37 -6.21 -5.48
CA TYR A 208 18.65 -7.19 -6.52
C TYR A 208 19.60 -6.61 -7.57
N ASP A 209 19.24 -5.45 -8.12
CA ASP A 209 20.00 -4.74 -9.17
C ASP A 209 21.46 -4.46 -8.78
N ILE A 210 21.66 -3.96 -7.56
CA ILE A 210 22.98 -3.67 -7.03
C ILE A 210 23.83 -4.93 -6.88
N MET A 211 23.23 -6.01 -6.38
CA MET A 211 23.93 -7.29 -6.27
C MET A 211 24.24 -7.89 -7.64
N LYS A 212 23.31 -7.75 -8.57
CA LYS A 212 23.47 -8.30 -9.93
C LYS A 212 24.49 -7.51 -10.76
N ARG A 213 24.27 -6.21 -10.94
CA ARG A 213 25.09 -5.40 -11.85
C ARG A 213 26.32 -4.79 -11.18
N LEU A 214 26.25 -4.55 -9.88
CA LEU A 214 27.42 -4.03 -9.20
C LEU A 214 28.24 -5.18 -8.57
N GLY A 215 27.58 -6.08 -7.85
CA GLY A 215 28.26 -7.20 -7.22
C GLY A 215 28.62 -8.31 -8.19
N GLY A 216 27.84 -8.46 -9.26
CA GLY A 216 28.03 -9.57 -10.19
C GLY A 216 27.59 -10.93 -9.65
N PHE A 217 26.69 -10.92 -8.66
CA PHE A 217 26.11 -12.12 -8.09
C PHE A 217 25.24 -12.82 -9.12
N THR A 218 25.19 -14.15 -9.03
CA THR A 218 24.24 -14.94 -9.79
C THR A 218 22.90 -14.81 -9.08
N ASP A 219 21.82 -15.16 -9.78
CA ASP A 219 20.51 -15.12 -9.15
C ASP A 219 20.40 -16.04 -7.93
N LYS A 220 20.98 -17.23 -8.01
CA LYS A 220 20.99 -18.15 -6.85
C LYS A 220 21.67 -17.54 -5.63
N GLU A 221 22.77 -16.83 -5.85
CA GLU A 221 23.47 -16.07 -4.83
C GLU A 221 22.63 -14.94 -4.24
N ILE A 222 21.88 -14.24 -5.09
CA ILE A 222 21.01 -13.14 -4.63
C ILE A 222 19.80 -13.76 -3.93
N SER A 223 19.27 -14.84 -4.49
CA SER A 223 18.24 -15.62 -3.80
C SER A 223 18.63 -16.03 -2.38
N ASP A 224 19.86 -16.51 -2.19
CA ASP A 224 20.37 -16.93 -0.87
C ASP A 224 20.50 -15.75 0.08
N VAL A 225 20.85 -14.58 -0.45
CA VAL A 225 20.93 -13.34 0.34
C VAL A 225 19.55 -12.95 0.86
N PHE A 226 18.54 -13.04 -0.01
CA PHE A 226 17.15 -12.82 0.42
C PHE A 226 16.67 -13.88 1.40
N ALA A 227 17.09 -15.13 1.15
CA ALA A 227 16.90 -16.22 2.13
C ALA A 227 17.41 -15.81 3.50
N LYS A 228 18.65 -15.32 3.53
CA LYS A 228 19.32 -14.88 4.75
C LYS A 228 18.61 -13.67 5.37
N TRP A 229 18.31 -12.66 4.56
CA TRP A 229 17.64 -11.45 5.06
C TRP A 229 16.25 -11.73 5.60
N ASN A 230 15.52 -12.65 4.98
CA ASN A 230 14.22 -13.05 5.48
C ASN A 230 14.26 -13.69 6.86
N ASN A 231 15.43 -14.23 7.21
CA ASN A 231 15.67 -14.81 8.51
C ASN A 231 15.96 -13.76 9.58
N GLY A 232 15.99 -12.50 9.17
CA GLY A 232 16.22 -11.42 10.10
C GLY A 232 15.19 -10.32 10.07
N VAL A 233 15.70 -9.10 10.11
CA VAL A 233 14.92 -7.89 10.37
C VAL A 233 13.94 -7.59 9.20
N LEU A 234 14.30 -8.06 8.00
CA LEU A 234 13.49 -7.85 6.78
C LEU A 234 12.45 -8.93 6.53
N ASP A 235 12.39 -9.93 7.39
CA ASP A 235 11.33 -10.96 7.39
C ASP A 235 10.01 -10.42 6.84
N SER A 236 9.59 -10.89 5.67
CA SER A 236 8.37 -10.39 5.01
C SER A 236 7.97 -11.24 3.81
N PHE A 237 6.71 -11.14 3.40
CA PHE A 237 6.17 -11.94 2.30
C PHE A 237 6.86 -11.64 0.96
N LEU A 238 7.08 -10.35 0.69
CA LEU A 238 7.72 -9.89 -0.55
C LEU A 238 9.19 -10.32 -0.66
N VAL A 239 9.91 -10.30 0.44
CA VAL A 239 11.28 -10.83 0.48
C VAL A 239 11.29 -12.34 0.25
N GLU A 240 10.25 -13.05 0.70
CA GLU A 240 10.12 -14.51 0.55
C GLU A 240 9.91 -14.91 -0.90
N ILE A 241 8.95 -14.25 -1.56
CA ILE A 241 8.64 -14.55 -2.96
C ILE A 241 9.79 -14.14 -3.87
N THR A 242 10.53 -13.10 -3.48
CA THR A 242 11.70 -12.64 -4.23
C THR A 242 12.80 -13.68 -4.15
N ARG A 243 13.10 -14.10 -2.92
CA ARG A 243 13.96 -15.24 -2.70
C ARG A 243 13.52 -16.40 -3.58
N ASP A 244 12.22 -16.70 -3.60
CA ASP A 244 11.70 -17.81 -4.40
C ASP A 244 11.78 -17.59 -5.90
N ILE A 245 11.52 -16.36 -6.35
CA ILE A 245 11.56 -16.03 -7.79
C ILE A 245 12.98 -16.17 -8.33
N LEU A 246 13.95 -15.72 -7.54
CA LEU A 246 15.35 -15.64 -7.97
C LEU A 246 16.00 -16.98 -8.20
N LYS A 247 15.50 -18.02 -7.54
CA LYS A 247 16.06 -19.38 -7.73
C LYS A 247 15.27 -20.21 -8.75
N PHE A 248 14.15 -19.64 -9.22
CA PHE A 248 13.23 -20.33 -10.13
C PHE A 248 13.85 -20.48 -11.53
N ASP A 249 14.07 -21.72 -11.91
CA ASP A 249 14.66 -22.00 -13.22
C ASP A 249 13.59 -22.21 -14.28
N ASP A 250 13.86 -21.64 -15.45
CA ASP A 250 13.06 -21.90 -16.63
C ASP A 250 13.33 -23.35 -17.01
N VAL A 251 12.47 -23.87 -17.87
CA VAL A 251 12.60 -25.17 -18.51
C VAL A 251 14.03 -25.53 -19.02
N ASP A 252 14.94 -24.55 -19.04
CA ASP A 252 16.28 -24.76 -19.57
C ASP A 252 17.38 -24.57 -18.52
N GLY A 253 16.96 -24.46 -17.26
CA GLY A 253 17.92 -24.31 -16.15
C GLY A 253 18.41 -22.89 -15.95
N LYS A 254 18.20 -22.03 -16.94
CA LYS A 254 18.55 -20.61 -16.81
C LYS A 254 17.46 -19.90 -16.00
N PRO A 255 17.85 -18.89 -15.19
CA PRO A 255 16.88 -18.18 -14.37
C PRO A 255 15.80 -17.57 -15.24
N LEU A 256 14.56 -17.93 -14.95
CA LEU A 256 13.43 -17.45 -15.70
C LEU A 256 13.30 -15.91 -15.62
N VAL A 257 13.46 -15.35 -14.43
CA VAL A 257 13.32 -13.90 -14.20
C VAL A 257 14.17 -13.00 -15.12
N GLU A 258 15.30 -13.52 -15.58
CA GLU A 258 16.21 -12.77 -16.45
C GLU A 258 15.74 -12.73 -17.89
N LYS A 259 14.62 -13.40 -18.15
CA LYS A 259 14.03 -13.48 -19.47
C LYS A 259 12.77 -12.60 -19.57
N ILE A 260 12.31 -12.13 -18.42
CA ILE A 260 11.10 -11.33 -18.35
C ILE A 260 11.39 -9.93 -18.86
N MET A 261 10.45 -9.37 -19.62
CA MET A 261 10.55 -8.04 -20.17
C MET A 261 10.43 -7.05 -19.03
N ASP A 262 11.43 -6.19 -18.90
CA ASP A 262 11.52 -5.28 -17.77
C ASP A 262 10.68 -4.01 -17.94
N THR A 263 9.38 -4.20 -18.10
CA THR A 263 8.45 -3.10 -18.18
C THR A 263 7.33 -3.37 -17.17
N ALA A 264 7.32 -2.60 -16.10
CA ALA A 264 6.38 -2.81 -15.03
C ALA A 264 4.99 -2.31 -15.43
N GLY A 265 3.97 -3.06 -15.01
CA GLY A 265 2.60 -2.64 -15.16
C GLY A 265 2.18 -1.89 -13.90
N GLN A 266 1.05 -1.20 -14.01
CA GLN A 266 0.40 -0.60 -12.86
C GLN A 266 -1.08 -0.40 -13.21
N LYS A 267 -1.97 -0.96 -12.41
CA LYS A 267 -3.40 -0.83 -12.67
C LYS A 267 -3.90 0.55 -12.25
N GLY A 268 -3.25 1.14 -11.24
CA GLY A 268 -3.51 2.54 -10.91
C GLY A 268 -3.40 2.94 -9.45
N THR A 269 -3.79 2.04 -8.56
CA THR A 269 -3.84 2.33 -7.12
C THR A 269 -2.53 2.91 -6.53
N GLY A 270 -1.42 2.71 -7.27
CA GLY A 270 -0.11 3.15 -6.83
C GLY A 270 0.13 4.62 -7.10
N LYS A 271 -0.18 5.07 -8.31
CA LYS A 271 -0.11 6.51 -8.63
C LYS A 271 -1.06 7.33 -7.78
N TRP A 272 -2.20 6.73 -7.39
CA TRP A 272 -3.20 7.43 -6.58
C TRP A 272 -2.66 7.91 -5.26
N THR A 273 -1.76 7.12 -4.66
CA THR A 273 -1.15 7.46 -3.40
C THR A 273 -0.21 8.66 -3.60
N ALA A 274 0.57 8.64 -4.68
CA ALA A 274 1.52 9.73 -4.97
C ALA A 274 0.75 11.02 -5.26
N ILE A 275 -0.30 10.91 -6.08
CA ILE A 275 -1.20 12.04 -6.36
C ILE A 275 -1.84 12.60 -5.08
N ASN A 276 -2.35 11.70 -4.23
CA ASN A 276 -2.94 12.12 -2.97
C ASN A 276 -1.92 12.81 -2.08
N ALA A 277 -0.69 12.29 -2.07
CA ALA A 277 0.41 12.91 -1.32
C ALA A 277 0.63 14.34 -1.77
N LEU A 278 0.72 14.52 -3.08
CA LEU A 278 0.75 15.83 -3.73
C LEU A 278 -0.45 16.73 -3.35
N ASP A 279 -1.68 16.23 -3.50
CA ASP A 279 -2.88 16.98 -3.06
C ASP A 279 -2.79 17.40 -1.60
N LEU A 280 -2.30 16.51 -0.74
CA LEU A 280 -2.29 16.76 0.69
C LEU A 280 -1.06 17.54 1.16
N GLY A 281 -0.08 17.71 0.28
CA GLY A 281 1.19 18.37 0.65
C GLY A 281 2.07 17.56 1.60
N MET A 282 2.12 16.25 1.43
CA MET A 282 2.98 15.43 2.26
C MET A 282 4.13 14.87 1.44
N PRO A 283 5.35 14.87 2.00
CA PRO A 283 6.52 14.40 1.29
C PRO A 283 6.64 12.87 1.24
N VAL A 284 5.80 12.22 0.44
CA VAL A 284 5.80 10.77 0.27
C VAL A 284 6.69 10.43 -0.94
N THR A 285 7.98 10.72 -0.78
CA THR A 285 8.90 10.75 -1.91
C THR A 285 9.19 9.35 -2.49
N LEU A 286 9.28 8.35 -1.61
CA LEU A 286 9.68 7.00 -2.03
C LEU A 286 8.60 6.35 -2.89
N ILE A 287 7.35 6.39 -2.43
CA ILE A 287 6.24 5.91 -3.26
C ILE A 287 6.18 6.63 -4.60
N GLY A 288 6.36 7.95 -4.59
CA GLY A 288 6.54 8.73 -5.82
C GLY A 288 7.60 8.13 -6.73
N GLU A 289 8.80 7.91 -6.20
CA GLU A 289 9.91 7.35 -7.00
C GLU A 289 9.61 5.95 -7.52
N ALA A 290 8.96 5.13 -6.68
CA ALA A 290 8.52 3.78 -7.07
C ALA A 290 7.57 3.82 -8.25
N VAL A 291 6.58 4.72 -8.19
CA VAL A 291 5.67 4.92 -9.34
C VAL A 291 6.43 5.45 -10.56
N PHE A 292 7.24 6.49 -10.38
CA PHE A 292 8.02 6.98 -11.52
C PHE A 292 8.95 5.91 -12.14
N ALA A 293 9.50 5.02 -11.32
CA ALA A 293 10.41 3.98 -11.78
C ALA A 293 9.70 2.98 -12.69
N ARG A 294 8.47 2.61 -12.35
CA ARG A 294 7.62 1.82 -13.26
C ARG A 294 7.38 2.56 -14.56
N CYS A 295 7.10 3.87 -14.48
CA CYS A 295 6.97 4.72 -15.67
C CYS A 295 8.23 4.69 -16.50
N LEU A 296 9.39 4.80 -15.85
CA LEU A 296 10.69 4.70 -16.54
C LEU A 296 10.86 3.35 -17.24
N SER A 297 10.50 2.28 -16.55
CA SER A 297 10.67 0.91 -17.05
C SER A 297 9.85 0.64 -18.31
N ALA A 298 8.64 1.21 -18.37
CA ALA A 298 7.76 1.13 -19.53
C ALA A 298 8.42 1.57 -20.81
N LEU A 299 9.40 2.47 -20.69
CA LEU A 299 10.08 3.10 -21.84
C LEU A 299 11.20 2.24 -22.41
N LYS A 300 10.91 0.96 -22.61
CA LYS A 300 11.92 -0.03 -22.99
C LYS A 300 12.78 0.36 -24.20
N ASN A 301 12.13 0.70 -25.30
CA ASN A 301 12.85 1.00 -26.52
C ASN A 301 13.66 2.28 -26.42
N GLU A 302 13.13 3.26 -25.70
CA GLU A 302 13.86 4.50 -25.50
C GLU A 302 15.14 4.25 -24.69
N ARG A 303 15.08 3.30 -23.76
CA ARG A 303 16.21 2.95 -22.89
C ARG A 303 17.26 2.14 -23.63
N ILE A 304 16.84 1.19 -24.47
CA ILE A 304 17.79 0.49 -25.34
C ILE A 304 18.58 1.51 -26.14
N ARG A 305 17.88 2.43 -26.79
CA ARG A 305 18.51 3.51 -27.52
C ARG A 305 19.42 4.36 -26.62
N ALA A 306 18.94 4.77 -25.44
CA ALA A 306 19.75 5.53 -24.48
C ALA A 306 21.02 4.80 -24.08
N SER A 307 20.92 3.49 -23.88
CA SER A 307 22.05 2.66 -23.41
C SER A 307 23.23 2.65 -24.40
N LYS A 308 22.96 2.92 -25.66
CA LYS A 308 23.97 2.82 -26.71
C LYS A 308 24.78 4.10 -26.81
N VAL A 309 24.24 5.20 -26.28
CA VAL A 309 24.83 6.53 -26.48
C VAL A 309 25.30 7.22 -25.20
N LEU A 310 24.54 7.10 -24.11
CA LEU A 310 24.87 7.82 -22.89
C LEU A 310 25.93 7.08 -22.09
N PRO A 311 26.99 7.79 -21.62
CA PRO A 311 28.07 7.16 -20.88
C PRO A 311 27.78 7.00 -19.39
N GLY A 312 28.62 6.23 -18.72
CA GLY A 312 28.56 6.07 -17.29
C GLY A 312 29.77 5.30 -16.85
N PRO A 313 29.99 5.17 -15.53
CA PRO A 313 31.20 4.52 -15.04
C PRO A 313 31.27 3.05 -15.45
N GLU A 314 32.50 2.53 -15.57
CA GLU A 314 32.71 1.11 -15.75
C GLU A 314 32.52 0.45 -14.40
N VAL A 315 31.91 -0.74 -14.38
CA VAL A 315 31.85 -1.52 -13.16
C VAL A 315 32.88 -2.66 -13.28
N PRO A 316 34.04 -2.49 -12.61
CA PRO A 316 35.09 -3.52 -12.67
C PRO A 316 34.68 -4.79 -11.92
N LYS A 317 35.28 -5.92 -12.28
CA LYS A 317 34.98 -7.20 -11.63
C LYS A 317 35.27 -7.15 -10.12
N ASP A 318 36.18 -6.28 -9.71
CA ASP A 318 36.64 -6.17 -8.33
C ASP A 318 36.06 -4.95 -7.56
N ALA A 319 34.93 -4.43 -8.04
CA ALA A 319 34.27 -3.26 -7.42
C ALA A 319 33.86 -3.56 -5.97
N VAL A 320 33.48 -4.81 -5.74
CA VAL A 320 33.18 -5.31 -4.41
C VAL A 320 34.31 -6.27 -4.01
N LYS A 321 35.18 -5.83 -3.10
CA LYS A 321 36.21 -6.73 -2.55
C LYS A 321 35.58 -7.61 -1.48
N ASP A 322 34.95 -6.96 -0.50
CA ASP A 322 34.36 -7.62 0.66
C ASP A 322 32.86 -7.87 0.46
N ARG A 323 32.51 -9.05 -0.05
CA ARG A 323 31.12 -9.42 -0.35
C ARG A 323 30.21 -9.48 0.87
N GLU A 324 30.77 -9.93 1.99
CA GLU A 324 30.05 -9.99 3.26
C GLU A 324 29.70 -8.58 3.75
N GLN A 325 30.66 -7.65 3.70
CA GLN A 325 30.40 -6.26 4.11
C GLN A 325 29.42 -5.55 3.17
N PHE A 326 29.61 -5.76 1.87
CA PHE A 326 28.72 -5.31 0.81
C PHE A 326 27.27 -5.67 1.09
N VAL A 327 27.04 -6.97 1.32
CA VAL A 327 25.71 -7.51 1.61
C VAL A 327 25.15 -6.96 2.93
N ASP A 328 25.99 -6.86 3.95
CA ASP A 328 25.57 -6.35 5.26
C ASP A 328 25.18 -4.87 5.23
N ASP A 329 25.92 -4.08 4.44
CA ASP A 329 25.60 -2.67 4.21
C ASP A 329 24.28 -2.50 3.45
N LEU A 330 24.10 -3.32 2.41
CA LEU A 330 22.90 -3.31 1.58
C LEU A 330 21.65 -3.61 2.37
N GLU A 331 21.76 -4.54 3.34
CA GLU A 331 20.64 -4.96 4.17
C GLU A 331 20.15 -3.77 4.97
N GLN A 332 21.08 -3.02 5.54
CA GLN A 332 20.81 -1.80 6.31
C GLN A 332 20.24 -0.68 5.42
N ALA A 333 20.67 -0.63 4.16
CA ALA A 333 20.17 0.35 3.18
C ALA A 333 18.72 0.05 2.83
N LEU A 334 18.44 -1.22 2.56
CA LEU A 334 17.09 -1.67 2.27
C LEU A 334 16.18 -1.43 3.47
N TYR A 335 16.64 -1.86 4.63
CA TYR A 335 15.86 -1.77 5.85
C TYR A 335 15.58 -0.33 6.29
N ALA A 336 16.59 0.54 6.24
CA ALA A 336 16.44 1.94 6.65
C ALA A 336 15.53 2.69 5.66
N SER A 337 15.68 2.40 4.38
CA SER A 337 14.86 3.02 3.35
C SER A 337 13.41 2.65 3.55
N LYS A 338 13.14 1.36 3.79
CA LYS A 338 11.80 0.85 4.09
C LYS A 338 11.18 1.60 5.27
N ILE A 339 11.97 1.79 6.32
CA ILE A 339 11.51 2.58 7.47
C ILE A 339 11.12 4.01 7.05
N ILE A 340 11.86 4.61 6.13
CA ILE A 340 11.49 5.93 5.61
C ILE A 340 10.16 5.90 4.88
N SER A 341 10.02 4.98 3.93
CA SER A 341 8.79 4.84 3.18
C SER A 341 7.56 4.67 4.05
N TYR A 342 7.62 3.78 5.03
CA TYR A 342 6.51 3.61 6.00
C TYR A 342 6.27 4.84 6.85
N ALA A 343 7.34 5.51 7.28
CA ALA A 343 7.23 6.77 8.04
C ALA A 343 6.50 7.84 7.20
N GLN A 344 6.79 7.86 5.89
CA GLN A 344 6.11 8.73 4.93
C GLN A 344 4.63 8.32 4.76
N GLY A 345 4.40 7.01 4.63
CA GLY A 345 3.05 6.45 4.55
C GLY A 345 2.15 6.90 5.69
N PHE A 346 2.67 6.87 6.92
CA PHE A 346 1.89 7.27 8.08
C PHE A 346 1.76 8.76 8.29
N MET A 347 2.71 9.54 7.77
CA MET A 347 2.55 10.99 7.64
C MET A 347 1.35 11.33 6.73
N LEU A 348 1.24 10.62 5.62
CA LEU A 348 0.10 10.75 4.72
C LEU A 348 -1.19 10.45 5.48
N ILE A 349 -1.26 9.29 6.13
CA ILE A 349 -2.42 8.88 6.92
C ILE A 349 -2.77 9.96 7.99
N ARG A 350 -1.73 10.45 8.66
CA ARG A 350 -1.84 11.52 9.64
C ARG A 350 -2.46 12.80 9.04
N GLU A 351 -2.01 13.20 7.86
CA GLU A 351 -2.55 14.41 7.24
C GLU A 351 -3.97 14.21 6.71
N ALA A 352 -4.24 13.05 6.12
CA ALA A 352 -5.58 12.68 5.64
C ALA A 352 -6.60 12.59 6.77
N ALA A 353 -6.21 11.99 7.90
CA ALA A 353 -7.07 12.01 9.08
C ALA A 353 -7.49 13.43 9.38
N ALA A 354 -6.50 14.32 9.47
CA ALA A 354 -6.67 15.73 9.84
C ALA A 354 -7.43 16.57 8.82
N THR A 355 -7.18 16.37 7.53
CA THR A 355 -7.78 17.17 6.47
C THR A 355 -9.21 16.75 6.19
N TYR A 356 -9.46 15.45 6.29
CA TYR A 356 -10.75 14.89 5.93
C TYR A 356 -11.66 14.79 7.14
N GLY A 357 -11.09 14.96 8.32
CA GLY A 357 -11.83 14.82 9.56
C GLY A 357 -12.18 13.36 9.84
N TRP A 358 -11.26 12.44 9.56
CA TRP A 358 -11.47 11.01 9.80
C TRP A 358 -10.63 10.56 10.98
N LYS A 359 -11.21 9.79 11.90
CA LYS A 359 -10.46 9.40 13.09
C LYS A 359 -9.72 8.10 12.86
N LEU A 360 -8.74 8.14 11.98
CA LEU A 360 -7.95 6.96 11.61
C LEU A 360 -7.11 6.42 12.77
N ASN A 361 -7.17 5.10 12.96
CA ASN A 361 -6.45 4.43 14.04
C ASN A 361 -5.16 3.74 13.56
N ASN A 362 -4.03 4.35 13.91
CA ASN A 362 -2.71 3.90 13.45
C ASN A 362 -2.34 2.45 13.85
N PRO A 363 -2.59 2.05 15.12
CA PRO A 363 -2.31 0.66 15.51
C PRO A 363 -3.18 -0.34 14.75
N ALA A 364 -4.45 0.01 14.54
CA ALA A 364 -5.40 -0.85 13.84
C ALA A 364 -5.04 -1.01 12.37
N ILE A 365 -4.70 0.10 11.72
CA ILE A 365 -4.20 0.08 10.33
C ILE A 365 -2.95 -0.78 10.20
N ALA A 366 -1.99 -0.61 11.12
CA ALA A 366 -0.78 -1.45 11.10
C ALA A 366 -1.14 -2.91 11.34
N LEU A 367 -2.02 -3.16 12.32
CA LEU A 367 -2.56 -4.50 12.57
C LEU A 367 -3.15 -5.12 11.31
N MET A 368 -3.96 -4.34 10.60
CA MET A 368 -4.64 -4.79 9.39
C MET A 368 -3.66 -5.09 8.29
N TRP A 369 -2.49 -4.44 8.33
CA TRP A 369 -1.43 -4.73 7.35
C TRP A 369 -0.43 -5.81 7.79
N ARG A 370 -0.44 -6.19 9.08
CA ARG A 370 0.47 -7.24 9.63
C ARG A 370 0.34 -8.57 8.92
N GLY A 371 -0.89 -8.99 8.65
CA GLY A 371 -1.17 -10.27 7.98
C GLY A 371 -2.11 -10.09 6.81
N GLY A 372 -2.37 -11.20 6.10
CA GLY A 372 -3.27 -11.23 4.95
C GLY A 372 -2.83 -10.47 3.71
N CYS A 373 -2.32 -9.25 3.90
CA CYS A 373 -1.99 -8.37 2.77
C CYS A 373 -0.63 -8.68 2.17
N ILE A 374 -0.39 -8.17 0.97
CA ILE A 374 0.89 -8.39 0.26
C ILE A 374 2.14 -7.89 1.01
N ILE A 375 1.99 -6.77 1.73
CA ILE A 375 3.09 -6.17 2.49
C ILE A 375 3.29 -6.74 3.89
N ARG A 376 2.70 -7.90 4.17
CA ARG A 376 2.75 -8.45 5.52
C ARG A 376 4.17 -8.72 5.96
N SER A 377 4.49 -8.41 7.21
CA SER A 377 5.84 -8.60 7.72
C SER A 377 5.88 -8.45 9.23
N VAL A 378 6.96 -8.92 9.82
CA VAL A 378 7.25 -8.77 11.26
C VAL A 378 7.44 -7.29 11.63
N PHE A 379 8.11 -6.57 10.73
CA PHE A 379 8.26 -5.11 10.71
C PHE A 379 6.95 -4.39 11.02
N LEU A 380 5.86 -4.77 10.35
CA LEU A 380 4.53 -4.22 10.62
C LEU A 380 4.02 -4.48 12.05
N GLY A 381 4.34 -5.64 12.62
CA GLY A 381 4.02 -5.89 14.03
C GLY A 381 4.72 -4.89 14.93
N GLN A 382 5.93 -4.52 14.56
CA GLN A 382 6.71 -3.56 15.29
C GLN A 382 6.13 -2.15 15.19
N ILE A 383 5.49 -1.85 14.07
CA ILE A 383 4.76 -0.59 13.88
C ILE A 383 3.50 -0.54 14.75
N THR A 384 2.72 -1.62 14.76
CA THR A 384 1.55 -1.75 15.67
C THR A 384 1.96 -1.48 17.11
N LYS A 385 3.00 -2.17 17.55
CA LYS A 385 3.56 -2.01 18.88
C LYS A 385 3.88 -0.55 19.18
N ALA A 386 4.61 0.13 18.29
CA ALA A 386 4.97 1.54 18.49
C ALA A 386 3.75 2.45 18.68
N TYR A 387 2.71 2.23 17.88
CA TYR A 387 1.48 3.00 17.98
C TYR A 387 0.53 2.58 19.10
N ARG A 388 0.60 1.32 19.54
CA ARG A 388 -0.11 0.89 20.75
C ARG A 388 0.41 1.69 21.93
N GLU A 389 1.74 1.76 22.03
CA GLU A 389 2.43 2.47 23.10
C GLU A 389 2.16 3.97 23.08
N GLU A 390 2.17 4.56 21.89
CA GLU A 390 1.90 5.97 21.70
C GLU A 390 1.01 6.16 20.49
N PRO A 391 -0.32 6.15 20.68
CA PRO A 391 -1.17 6.31 19.49
C PRO A 391 -1.14 7.73 18.92
N ASP A 392 -0.58 8.67 19.67
CA ASP A 392 -0.41 10.05 19.21
C ASP A 392 0.98 10.35 18.59
N LEU A 393 1.83 9.31 18.48
CA LEU A 393 3.16 9.42 17.86
C LEU A 393 3.11 10.22 16.55
N GLU A 394 3.83 11.34 16.48
CA GLU A 394 3.70 12.18 15.28
C GLU A 394 4.42 11.61 14.05
N ASN A 395 5.55 10.93 14.29
CA ASN A 395 6.26 10.23 13.23
C ASN A 395 6.84 8.95 13.76
N LEU A 396 6.77 7.91 12.94
CA LEU A 396 7.38 6.61 13.21
C LEU A 396 8.83 6.71 13.68
N LEU A 397 9.58 7.66 13.12
CA LEU A 397 11.01 7.83 13.40
C LEU A 397 11.28 8.32 14.84
N PHE A 398 10.25 8.84 15.49
CA PHE A 398 10.35 9.21 16.92
C PHE A 398 10.19 8.00 17.84
N ASN A 399 9.80 6.85 17.29
CA ASN A 399 9.79 5.63 18.07
C ASN A 399 11.21 5.05 18.25
N LYS A 400 11.58 4.75 19.49
CA LYS A 400 12.90 4.21 19.84
C LYS A 400 13.33 3.05 18.94
N PHE A 401 12.45 2.08 18.73
CA PHE A 401 12.80 0.92 17.90
C PHE A 401 13.23 1.33 16.49
N PHE A 402 12.51 2.28 15.88
CA PHE A 402 12.82 2.73 14.53
C PHE A 402 13.98 3.71 14.51
N ALA A 403 14.04 4.60 15.50
CA ALA A 403 15.16 5.49 15.67
C ALA A 403 16.49 4.72 15.83
N ASP A 404 16.49 3.65 16.63
CA ASP A 404 17.65 2.77 16.81
C ASP A 404 18.03 2.03 15.52
N ALA A 405 17.03 1.51 14.83
CA ALA A 405 17.21 0.82 13.55
C ALA A 405 17.89 1.73 12.53
N VAL A 406 17.47 2.99 12.52
CA VAL A 406 17.94 3.98 11.56
C VAL A 406 19.35 4.45 11.95
N THR A 407 19.59 4.57 13.26
CA THR A 407 20.92 4.89 13.82
C THR A 407 21.94 3.80 13.45
N LYS A 408 21.57 2.54 13.66
CA LYS A 408 22.42 1.42 13.32
C LYS A 408 22.70 1.31 11.82
N ALA A 409 21.67 1.63 11.03
CA ALA A 409 21.75 1.62 9.55
C ALA A 409 22.67 2.65 8.92
N GLN A 410 23.00 3.73 9.65
CA GLN A 410 23.63 4.92 9.06
C GLN A 410 24.76 4.62 8.10
N SER A 411 25.73 3.86 8.58
CA SER A 411 26.92 3.56 7.83
C SER A 411 26.63 2.69 6.60
N GLY A 412 25.85 1.62 6.77
CA GLY A 412 25.53 0.73 5.65
C GLY A 412 24.67 1.38 4.59
N TRP A 413 23.73 2.20 5.04
CA TRP A 413 22.82 2.99 4.18
C TRP A 413 23.59 3.94 3.26
N ARG A 414 24.46 4.76 3.84
CA ARG A 414 25.24 5.74 3.08
C ARG A 414 26.29 5.09 2.20
N LYS A 415 26.95 4.04 2.69
CA LYS A 415 27.97 3.34 1.94
C LYS A 415 27.39 2.69 0.68
N SER A 416 26.22 2.07 0.79
CA SER A 416 25.58 1.42 -0.35
C SER A 416 25.15 2.44 -1.41
N ILE A 417 24.70 3.60 -0.95
CA ILE A 417 24.27 4.66 -1.85
C ILE A 417 25.47 5.27 -2.58
N ALA A 418 26.53 5.60 -1.84
CA ALA A 418 27.75 6.13 -2.44
C ALA A 418 28.32 5.15 -3.46
N LEU A 419 28.11 3.87 -3.21
CA LEU A 419 28.63 2.80 -4.05
C LEU A 419 27.85 2.67 -5.35
N ALA A 420 26.52 2.72 -5.24
CA ALA A 420 25.64 2.72 -6.41
C ALA A 420 25.84 3.99 -7.25
N THR A 421 25.96 5.12 -6.56
CA THR A 421 26.32 6.42 -7.13
C THR A 421 27.62 6.37 -7.94
N THR A 422 28.69 5.90 -7.30
CA THR A 422 30.01 5.83 -7.92
C THR A 422 30.01 4.89 -9.12
N TYR A 423 29.25 3.81 -9.05
CA TYR A 423 29.29 2.80 -10.12
C TYR A 423 28.12 2.85 -11.12
N GLY A 424 27.18 3.76 -10.90
CA GLY A 424 26.15 4.03 -11.91
C GLY A 424 24.98 3.07 -11.95
N ILE A 425 24.65 2.50 -10.79
CA ILE A 425 23.47 1.65 -10.65
C ILE A 425 22.36 2.51 -10.03
N PRO A 426 21.20 2.62 -10.71
CA PRO A 426 20.09 3.46 -10.25
C PRO A 426 19.52 3.00 -8.92
N THR A 427 19.45 3.91 -7.96
CA THR A 427 18.82 3.63 -6.68
C THR A 427 17.80 4.70 -6.32
N PRO A 428 16.77 4.90 -7.17
CA PRO A 428 15.82 6.00 -6.90
C PRO A 428 15.22 5.97 -5.50
N ALA A 429 14.75 4.80 -5.08
CA ALA A 429 14.13 4.62 -3.77
C ALA A 429 15.13 4.73 -2.61
N PHE A 430 16.31 4.07 -2.71
CA PHE A 430 17.32 4.23 -1.66
C PHE A 430 17.72 5.70 -1.53
N SER A 431 17.97 6.33 -2.68
CA SER A 431 18.41 7.72 -2.72
C SER A 431 17.42 8.71 -2.13
N THR A 432 16.16 8.62 -2.55
CA THR A 432 15.13 9.50 -2.02
C THR A 432 14.87 9.31 -0.51
N ALA A 433 15.00 8.09 -0.04
CA ALA A 433 14.86 7.79 1.38
C ALA A 433 15.95 8.48 2.21
N LEU A 434 17.19 8.42 1.75
CA LEU A 434 18.29 9.08 2.46
C LEU A 434 18.16 10.60 2.37
N SER A 435 17.87 11.12 1.18
CA SER A 435 17.63 12.57 1.02
C SER A 435 16.51 13.04 1.93
N PHE A 436 15.42 12.28 1.99
CA PHE A 436 14.31 12.63 2.86
C PHE A 436 14.74 12.60 4.31
N TYR A 437 15.43 11.53 4.71
CA TYR A 437 15.93 11.40 6.06
C TYR A 437 16.78 12.59 6.45
N ASP A 438 17.76 12.90 5.61
CA ASP A 438 18.67 14.03 5.88
C ASP A 438 17.96 15.39 5.86
N GLY A 439 16.90 15.50 5.07
CA GLY A 439 16.09 16.71 5.05
C GLY A 439 15.20 16.81 6.28
N TYR A 440 14.52 15.71 6.57
CA TYR A 440 13.60 15.65 7.70
C TYR A 440 14.28 15.99 9.05
N ARG A 441 15.53 15.56 9.25
CA ARG A 441 16.26 15.85 10.48
C ARG A 441 16.98 17.23 10.51
N SER A 442 16.77 18.05 9.47
CA SER A 442 17.39 19.37 9.40
C SER A 442 16.50 20.38 10.07
N GLU A 443 16.99 20.96 11.16
CA GLU A 443 16.30 22.08 11.78
C GLU A 443 16.08 23.17 10.74
N ARG A 444 17.12 23.49 9.99
CA ARG A 444 17.05 24.50 8.94
C ARG A 444 17.34 23.92 7.56
N LEU A 445 16.37 24.05 6.66
CA LEU A 445 16.53 23.66 5.26
C LEU A 445 16.76 24.90 4.34
N PRO A 446 17.30 24.70 3.11
CA PRO A 446 17.55 25.85 2.25
C PRO A 446 16.28 26.43 1.59
N ALA A 447 15.12 26.12 2.17
CA ALA A 447 13.84 26.69 1.74
C ALA A 447 13.73 28.18 2.10
N ASN A 448 14.60 28.62 3.01
CA ASN A 448 14.84 30.06 3.26
C ASN A 448 15.27 30.80 1.99
N LEU A 449 16.18 30.23 1.21
CA LEU A 449 16.57 30.80 -0.07
C LEU A 449 15.42 30.74 -1.07
N LEU A 450 14.68 29.62 -1.05
CA LEU A 450 13.52 29.41 -1.92
C LEU A 450 12.51 30.56 -1.72
N GLN A 451 12.23 30.85 -0.45
CA GLN A 451 11.35 31.92 -0.04
C GLN A 451 11.87 33.30 -0.44
N ALA A 452 13.16 33.52 -0.22
CA ALA A 452 13.81 34.75 -0.70
C ALA A 452 13.67 34.89 -2.21
N GLN A 453 13.95 33.83 -2.96
CA GLN A 453 13.82 33.82 -4.41
C GLN A 453 12.42 34.21 -4.83
N ARG A 454 11.42 33.57 -4.22
CA ARG A 454 10.02 33.83 -4.53
C ARG A 454 9.61 35.28 -4.25
N ASP A 455 10.02 35.79 -3.09
CA ASP A 455 9.74 37.15 -2.69
C ASP A 455 10.40 38.15 -3.62
N TYR A 456 11.37 37.67 -4.40
CA TYR A 456 12.19 38.51 -5.25
C TYR A 456 11.58 38.63 -6.64
N PHE A 457 11.24 37.50 -7.27
CA PHE A 457 10.66 37.55 -8.60
C PHE A 457 9.14 37.67 -8.60
N GLY A 458 8.53 37.62 -7.42
CA GLY A 458 7.06 37.65 -7.34
C GLY A 458 6.49 38.34 -6.12
N ALA A 459 7.33 38.95 -5.30
CA ALA A 459 6.88 39.61 -4.08
C ALA A 459 5.88 38.76 -3.28
N HIS A 460 6.14 37.46 -3.21
CA HIS A 460 5.25 36.53 -2.51
C HIS A 460 5.39 36.59 -1.00
N THR A 461 6.39 37.33 -0.53
CA THR A 461 6.60 37.56 0.90
C THR A 461 7.13 36.33 1.66
N PHE A 462 7.54 36.56 2.90
CA PHE A 462 8.12 35.53 3.73
C PHE A 462 7.97 35.86 5.21
N ARG A 463 8.12 34.84 6.05
CA ARG A 463 8.09 34.99 7.49
C ARG A 463 9.53 34.98 8.02
N VAL A 464 9.73 35.56 9.19
CA VAL A 464 11.03 35.54 9.83
C VAL A 464 11.09 34.40 10.84
N LEU A 465 12.27 33.82 11.04
CA LEU A 465 12.52 32.86 12.11
C LEU A 465 12.23 33.58 13.43
N PRO A 466 11.49 32.93 14.35
CA PRO A 466 11.17 33.65 15.59
C PRO A 466 12.41 34.10 16.35
N GLU A 467 13.50 33.34 16.23
CA GLU A 467 14.78 33.69 16.88
C GLU A 467 15.57 34.81 16.16
N CYS A 468 15.02 35.28 15.03
CA CYS A 468 15.63 36.36 14.25
C CYS A 468 14.71 37.57 14.10
N ALA A 469 13.58 37.56 14.80
CA ALA A 469 12.62 38.64 14.71
C ALA A 469 13.22 39.94 15.24
N SER A 470 12.95 41.05 14.56
CA SER A 470 13.56 42.34 14.94
C SER A 470 12.62 43.52 14.68
N ASP A 471 13.18 44.73 14.68
CA ASP A 471 12.43 45.97 14.40
C ASP A 471 11.73 45.86 13.05
N ASN A 472 12.49 45.94 11.96
CA ASN A 472 12.01 45.41 10.68
C ASN A 472 12.08 43.90 10.84
N LEU A 473 11.37 43.16 9.99
CA LEU A 473 11.29 41.69 10.15
C LEU A 473 10.58 41.26 11.46
N PRO A 474 9.31 41.70 11.66
CA PRO A 474 8.60 41.25 12.86
C PRO A 474 7.99 39.84 12.74
N VAL A 475 7.80 39.19 13.89
CA VAL A 475 7.25 37.82 13.94
C VAL A 475 5.82 37.80 13.43
N ASP A 476 5.40 36.64 12.95
CA ASP A 476 4.00 36.38 12.57
C ASP A 476 3.41 37.39 11.58
N LYS A 477 4.27 38.04 10.81
CA LYS A 477 3.82 38.95 9.75
C LYS A 477 4.50 38.66 8.42
N ASP A 478 3.76 38.89 7.32
CA ASP A 478 4.24 38.62 5.97
C ASP A 478 5.12 39.78 5.53
N ILE A 479 6.41 39.51 5.39
CA ILE A 479 7.39 40.54 5.02
C ILE A 479 7.67 40.50 3.51
N HIS A 480 7.71 41.67 2.89
CA HIS A 480 8.28 41.80 1.56
C HIS A 480 9.51 42.70 1.68
N ILE A 481 10.55 42.36 0.92
CA ILE A 481 11.76 43.16 0.84
C ILE A 481 11.92 43.62 -0.61
N ASN A 482 12.34 44.87 -0.78
CA ASN A 482 12.73 45.34 -2.10
C ASN A 482 14.19 44.91 -2.32
N TRP A 483 14.37 43.81 -3.02
CA TRP A 483 15.70 43.22 -3.21
C TRP A 483 16.56 44.01 -4.20
N THR A 484 15.93 44.89 -4.98
CA THR A 484 16.61 45.70 -5.98
C THR A 484 16.62 47.18 -5.58
CAC FLC B . -3.46 -4.68 -9.46
CA FLC B . -2.53 -4.27 -8.35
CB FLC B . -1.08 -4.16 -8.83
CBC FLC B . -0.90 -2.82 -9.52
CG FLC B . -0.16 -4.36 -7.62
CGC FLC B . 1.30 -4.17 -7.95
OA1 FLC B . -2.97 -5.07 -10.54
OA2 FLC B . -4.69 -4.62 -9.26
OB1 FLC B . -0.57 -2.89 -10.72
OB2 FLC B . -1.10 -1.74 -8.89
OG1 FLC B . 1.68 -4.20 -9.14
OG2 FLC B . 2.09 -3.98 -7.00
OHB FLC B . -0.78 -5.17 -9.78
CAC FLC C . -2.91 -8.23 -6.42
CA FLC C . -2.54 -7.23 -5.33
CB FLC C . -3.61 -7.02 -4.27
CBC FLC C . -2.98 -6.18 -3.17
CG FLC C . -4.88 -6.39 -4.87
CGC FLC C . -4.90 -4.88 -5.00
OA1 FLC C . -3.62 -9.23 -6.17
OA2 FLC C . -2.46 -8.00 -7.55
OB1 FLC C . -3.28 -6.47 -1.98
OB2 FLC C . -2.19 -5.26 -3.45
OG1 FLC C . -4.60 -4.19 -3.99
OG2 FLC C . -5.21 -4.35 -6.10
OHB FLC C . -4.03 -8.26 -3.67
#